data_6CL2
#
_entry.id   6CL2
#
_cell.length_a   88.309
_cell.length_b   88.309
_cell.length_c   186.459
_cell.angle_alpha   90.00
_cell.angle_beta   90.00
_cell.angle_gamma   120.00
#
_symmetry.space_group_name_H-M   'P 32 2 1'
#
loop_
_entity.id
_entity.type
_entity.pdbx_description
1 polymer 'Caspase-7 subunit p20'
2 polymer 'Caspase-7 subunit p11'
3 polymer ACE-1MH-ASP-PF5-PHE-1U8
4 water water
#
loop_
_entity_poly.entity_id
_entity_poly.type
_entity_poly.pdbx_seq_one_letter_code
_entity_poly.pdbx_strand_id
1 'polypeptide(L)'
;MADDQGCIEEQGVEDSANEDSVDAKPDRSSFVPSLFSKKKKNVTMRSIKTTRDRVPTYQYNMNFEKLGKCIIINNKNFDK
VTGMGVRNGTDKDAEALFKCFRSLGFDVIVYNDCSCAKMQDLLKKASEEDHTNAACFACILLSHGEENVIYGKDGVTPIK
DLTAHFRGDRCKTLLEKPKLFFIQACRGTELDDGIQAD
;
A,C
2 'polypeptide(L)'
;SGPINDTDANPRYKIPVEADFLFAYSTVPGYYSWRSPGRGSWFVQALCSILEEHGKDLEIMQILTRVNDRVARHFESQSD
DPHFHEKKQIPCVVSMLTKELYFSQLEHHHHHH
;
B,D
3 'polypeptide(L)' (ACE)(1MH)D(PF5)F(1U8) E,F
#
loop_
_chem_comp.id
_chem_comp.type
_chem_comp.name
_chem_comp.formula
ACE non-polymer 'ACETYL GROUP' 'C2 H4 O'
#
# COMPACT_ATOMS: atom_id res chain seq x y z
N THR A 57 -15.22 -12.48 -13.88
CA THR A 57 -15.36 -12.91 -12.50
C THR A 57 -14.32 -12.24 -11.60
N TYR A 58 -13.28 -11.68 -12.23
CA TYR A 58 -12.14 -11.11 -11.54
C TYR A 58 -12.01 -9.60 -11.71
N GLN A 59 -13.06 -8.96 -12.23
CA GLN A 59 -13.10 -7.52 -12.38
C GLN A 59 -14.23 -6.93 -11.56
N TYR A 60 -14.05 -5.69 -11.13
CA TYR A 60 -15.19 -4.97 -10.56
C TYR A 60 -16.24 -4.77 -11.65
N ASN A 61 -17.50 -4.97 -11.27
CA ASN A 61 -18.60 -4.77 -12.21
C ASN A 61 -18.71 -3.30 -12.56
N MET A 62 -18.69 -2.99 -13.86
CA MET A 62 -18.75 -1.61 -14.33
C MET A 62 -20.04 -1.27 -15.06
N ASN A 63 -21.01 -2.19 -15.08
CA ASN A 63 -22.26 -1.97 -15.81
C ASN A 63 -23.26 -1.20 -14.93
N PHE A 64 -22.97 0.09 -14.78
CA PHE A 64 -23.85 1.02 -14.07
C PHE A 64 -24.07 2.24 -14.96
N GLU A 65 -25.04 3.06 -14.59
CA GLU A 65 -25.34 4.25 -15.38
C GLU A 65 -24.21 5.27 -15.32
N LYS A 66 -23.68 5.50 -14.12
CA LYS A 66 -22.59 6.44 -13.89
C LYS A 66 -21.30 5.70 -13.56
N LEU A 67 -20.16 6.21 -14.04
CA LEU A 67 -18.88 5.76 -13.51
C LEU A 67 -18.81 6.05 -12.03
N GLY A 68 -19.14 7.26 -11.64
CA GLY A 68 -19.22 7.62 -10.23
C GLY A 68 -18.89 9.08 -10.02
N LYS A 69 -18.82 9.45 -8.75
CA LYS A 69 -18.50 10.82 -8.36
C LYS A 69 -17.01 10.94 -8.11
N CYS A 70 -16.43 12.08 -8.48
CA CYS A 70 -15.04 12.37 -8.15
C CYS A 70 -14.98 13.75 -7.50
N ILE A 71 -14.50 13.80 -6.25
CA ILE A 71 -14.33 15.04 -5.51
C ILE A 71 -12.85 15.41 -5.50
N ILE A 72 -12.53 16.58 -6.05
CA ILE A 72 -11.18 17.13 -5.99
C ILE A 72 -11.17 18.27 -4.97
N ILE A 73 -10.35 18.15 -3.93
CA ILE A 73 -10.16 19.21 -2.96
C ILE A 73 -8.81 19.88 -3.27
N ASN A 74 -8.85 21.13 -3.75
CA ASN A 74 -7.67 21.86 -4.24
C ASN A 74 -7.32 23.00 -3.28
N ASN A 75 -6.42 22.73 -2.32
CA ASN A 75 -6.06 23.70 -1.28
C ASN A 75 -4.77 24.42 -1.67
N LYS A 76 -4.91 25.68 -2.10
CA LYS A 76 -3.76 26.49 -2.51
C LYS A 76 -3.35 27.52 -1.46
N ASN A 77 -4.32 28.20 -0.83
CA ASN A 77 -4.07 29.33 0.05
C ASN A 77 -4.43 28.96 1.48
N PHE A 78 -3.52 29.20 2.41
CA PHE A 78 -3.72 28.77 3.78
C PHE A 78 -3.73 29.96 4.73
N ASP A 79 -4.46 29.80 5.85
CA ASP A 79 -4.58 30.89 6.82
C ASP A 79 -3.22 31.19 7.43
N LYS A 80 -3.03 32.48 7.77
CA LYS A 80 -1.80 32.92 8.41
C LYS A 80 -1.48 32.10 9.65
N VAL A 81 -2.51 31.71 10.41
CA VAL A 81 -2.28 31.02 11.67
C VAL A 81 -1.67 29.64 11.47
N THR A 82 -1.84 29.01 10.30
CA THR A 82 -1.24 27.71 10.05
C THR A 82 0.24 27.82 9.69
N GLY A 83 0.67 28.96 9.16
CA GLY A 83 2.06 29.12 8.77
C GLY A 83 2.45 28.49 7.45
N MET A 84 1.50 27.94 6.69
CA MET A 84 1.80 27.27 5.43
C MET A 84 1.74 28.25 4.27
N GLY A 85 2.65 28.08 3.30
CA GLY A 85 2.74 28.96 2.16
C GLY A 85 1.82 28.57 1.04
N VAL A 86 1.76 29.45 0.03
CA VAL A 86 0.90 29.21 -1.13
C VAL A 86 1.47 28.05 -1.93
N ARG A 87 0.59 27.16 -2.40
CA ARG A 87 0.99 25.98 -3.18
C ARG A 87 0.88 26.32 -4.66
N ASN A 88 1.90 26.99 -5.16
CA ASN A 88 1.90 27.40 -6.56
C ASN A 88 1.99 26.19 -7.47
N GLY A 89 1.22 26.21 -8.55
CA GLY A 89 1.12 25.10 -9.44
C GLY A 89 -0.04 24.16 -9.17
N THR A 90 -0.67 24.25 -7.98
CA THR A 90 -1.74 23.32 -7.67
C THR A 90 -2.99 23.56 -8.48
N ASP A 91 -3.14 24.75 -9.10
CA ASP A 91 -4.25 24.96 -10.01
C ASP A 91 -4.02 24.22 -11.33
N LYS A 92 -2.77 24.21 -11.80
CA LYS A 92 -2.42 23.39 -12.95
C LYS A 92 -2.75 21.92 -12.69
N ASP A 93 -2.40 21.42 -11.49
CA ASP A 93 -2.75 20.04 -11.13
C ASP A 93 -4.26 19.82 -11.18
N ALA A 94 -5.02 20.70 -10.52
CA ALA A 94 -6.47 20.49 -10.42
C ALA A 94 -7.15 20.51 -11.78
N GLU A 95 -6.72 21.40 -12.67
CA GLU A 95 -7.39 21.44 -13.96
C GLU A 95 -7.02 20.23 -14.80
N ALA A 96 -5.77 19.77 -14.70
CA ALA A 96 -5.37 18.56 -15.43
C ALA A 96 -6.09 17.34 -14.88
N LEU A 97 -6.20 17.24 -13.55
CA LEU A 97 -6.98 16.15 -12.95
C LEU A 97 -8.45 16.26 -13.32
N PHE A 98 -8.97 17.49 -13.43
CA PHE A 98 -10.36 17.65 -13.82
C PHE A 98 -10.60 17.05 -15.20
N LYS A 99 -9.77 17.41 -16.17
CA LYS A 99 -9.93 16.87 -17.52
C LYS A 99 -9.78 15.35 -17.54
N CYS A 100 -8.75 14.83 -16.85
CA CYS A 100 -8.49 13.38 -16.91
C CYS A 100 -9.64 12.61 -16.29
N PHE A 101 -10.04 12.95 -15.07
CA PHE A 101 -11.07 12.16 -14.41
C PHE A 101 -12.43 12.37 -15.05
N ARG A 102 -12.64 13.52 -15.68
CA ARG A 102 -13.86 13.72 -16.46
C ARG A 102 -13.83 12.83 -17.70
N SER A 103 -12.69 12.80 -18.40
CA SER A 103 -12.53 11.94 -19.57
C SER A 103 -12.75 10.47 -19.23
N LEU A 104 -12.29 10.04 -18.05
CA LEU A 104 -12.56 8.69 -17.59
C LEU A 104 -14.06 8.41 -17.49
N GLY A 105 -14.85 9.45 -17.17
CA GLY A 105 -16.30 9.32 -17.00
C GLY A 105 -16.81 9.73 -15.63
N PHE A 106 -15.95 10.20 -14.74
CA PHE A 106 -16.38 10.66 -13.42
C PHE A 106 -17.16 11.98 -13.51
N ASP A 107 -18.18 12.11 -12.67
CA ASP A 107 -18.80 13.41 -12.47
C ASP A 107 -17.94 14.18 -11.47
N VAL A 108 -17.12 15.10 -11.97
CA VAL A 108 -16.08 15.76 -11.18
C VAL A 108 -16.58 17.12 -10.66
N ILE A 109 -16.26 17.43 -9.40
CA ILE A 109 -16.47 18.75 -8.83
C ILE A 109 -15.22 19.15 -8.04
N VAL A 110 -14.68 20.32 -8.31
CA VAL A 110 -13.52 20.84 -7.57
C VAL A 110 -14.00 21.80 -6.49
N TYR A 111 -13.38 21.71 -5.31
CA TYR A 111 -13.67 22.56 -4.16
C TYR A 111 -12.35 23.18 -3.70
N ASN A 112 -12.31 24.51 -3.60
CA ASN A 112 -11.06 25.23 -3.43
C ASN A 112 -10.90 25.77 -2.00
N ASP A 113 -9.67 25.72 -1.52
CA ASP A 113 -9.27 26.24 -0.21
C ASP A 113 -10.28 25.85 0.87
N CYS A 114 -10.48 24.55 1.01
CA CYS A 114 -11.44 24.06 1.99
C CYS A 114 -10.83 24.07 3.39
N SER A 115 -11.66 24.42 4.36
CA SER A 115 -11.37 24.27 5.77
C SER A 115 -11.51 22.81 6.18
N CYS A 116 -11.01 22.50 7.37
CA CYS A 116 -11.06 21.11 7.84
C CYS A 116 -12.50 20.63 7.98
N ALA A 117 -13.38 21.49 8.52
CA ALA A 117 -14.77 21.11 8.69
C ALA A 117 -15.48 20.93 7.35
N LYS A 118 -15.14 21.76 6.36
CA LYS A 118 -15.74 21.62 5.02
C LYS A 118 -15.28 20.33 4.35
N MET A 119 -13.99 20.01 4.42
CA MET A 119 -13.51 18.74 3.89
C MET A 119 -14.26 17.57 4.53
N GLN A 120 -14.37 17.60 5.85
CA GLN A 120 -15.07 16.53 6.56
C GLN A 120 -16.53 16.46 6.12
N ASP A 121 -17.17 17.62 5.96
CA ASP A 121 -18.57 17.66 5.62
C ASP A 121 -18.81 17.30 4.15
N LEU A 122 -17.96 17.79 3.24
CA LEU A 122 -18.01 17.35 1.85
C LEU A 122 -17.97 15.83 1.76
N LEU A 123 -17.03 15.20 2.46
CA LEU A 123 -16.89 13.75 2.31
C LEU A 123 -17.97 12.99 3.08
N LYS A 124 -18.43 13.55 4.20
CA LYS A 124 -19.54 12.91 4.90
C LYS A 124 -20.81 12.93 4.06
N LYS A 125 -21.08 14.06 3.38
CA LYS A 125 -22.30 14.16 2.58
C LYS A 125 -22.21 13.27 1.35
N ALA A 126 -21.10 13.35 0.61
CA ALA A 126 -20.90 12.43 -0.50
C ALA A 126 -21.12 10.99 -0.08
N SER A 127 -20.63 10.62 1.11
CA SER A 127 -20.85 9.27 1.60
C SER A 127 -22.33 8.96 1.81
N GLU A 128 -23.16 9.99 2.10
CA GLU A 128 -24.57 9.77 2.37
C GLU A 128 -25.45 9.88 1.14
N GLU A 129 -24.91 10.30 -0.01
CA GLU A 129 -25.66 10.23 -1.26
C GLU A 129 -25.92 8.77 -1.64
N ASP A 130 -26.73 8.58 -2.67
CA ASP A 130 -27.11 7.24 -3.13
C ASP A 130 -26.27 6.88 -4.35
N HIS A 131 -25.45 5.83 -4.22
CA HIS A 131 -24.54 5.41 -5.27
C HIS A 131 -24.99 4.13 -5.95
N THR A 132 -26.27 3.77 -5.82
CA THR A 132 -26.80 2.55 -6.42
C THR A 132 -26.44 2.45 -7.89
N ASN A 133 -26.54 3.57 -8.62
CA ASN A 133 -26.30 3.57 -10.05
C ASN A 133 -24.89 4.00 -10.42
N ALA A 134 -23.96 3.99 -9.45
CA ALA A 134 -22.55 4.35 -9.67
C ALA A 134 -21.66 3.11 -9.56
N ALA A 135 -20.60 3.05 -10.37
CA ALA A 135 -19.65 1.93 -10.27
C ALA A 135 -18.64 2.12 -9.13
N CYS A 136 -18.19 3.34 -8.87
CA CYS A 136 -17.19 3.59 -7.84
C CYS A 136 -17.28 5.03 -7.36
N PHE A 137 -16.34 5.40 -6.48
CA PHE A 137 -16.14 6.75 -5.96
C PHE A 137 -14.64 7.07 -5.97
N ALA A 138 -14.29 8.30 -6.30
CA ALA A 138 -12.92 8.76 -6.22
C ALA A 138 -12.88 10.10 -5.48
N CYS A 139 -11.81 10.32 -4.73
CA CYS A 139 -11.55 11.61 -4.12
C CYS A 139 -10.08 11.94 -4.28
N ILE A 140 -9.77 13.19 -4.65
CA ILE A 140 -8.39 13.63 -4.84
C ILE A 140 -8.11 14.79 -3.88
N LEU A 141 -7.05 14.65 -3.09
CA LEU A 141 -6.65 15.62 -2.08
C LEU A 141 -5.34 16.26 -2.51
N LEU A 142 -5.36 17.57 -2.78
CA LEU A 142 -4.16 18.35 -3.08
C LEU A 142 -3.96 19.38 -1.97
N SER A 143 -2.90 19.23 -1.16
CA SER A 143 -2.70 20.13 -0.03
C SER A 143 -1.30 19.94 0.55
N HIS A 144 -1.00 20.73 1.57
CA HIS A 144 0.11 20.43 2.47
C HIS A 144 -0.26 19.23 3.33
N GLY A 145 0.74 18.53 3.86
CA GLY A 145 0.38 17.45 4.76
C GLY A 145 1.55 16.92 5.56
N GLU A 146 1.20 16.04 6.49
CA GLU A 146 2.15 15.30 7.30
C GLU A 146 1.62 13.88 7.47
N GLU A 147 2.43 13.01 8.02
CA GLU A 147 2.06 11.59 8.06
C GLU A 147 0.68 11.41 8.71
N ASN A 148 -0.23 10.77 7.97
CA ASN A 148 -1.58 10.39 8.39
C ASN A 148 -2.56 11.56 8.43
N VAL A 149 -2.16 12.73 7.93
CA VAL A 149 -2.85 13.98 8.23
C VAL A 149 -2.74 14.92 7.04
N ILE A 150 -3.81 15.66 6.76
CA ILE A 150 -3.82 16.59 5.65
C ILE A 150 -4.32 17.96 6.11
N TYR A 151 -3.78 19.03 5.50
CA TYR A 151 -4.13 20.39 5.87
C TYR A 151 -5.41 20.85 5.19
N GLY A 152 -6.39 21.28 5.98
CA GLY A 152 -7.35 22.27 5.52
C GLY A 152 -6.67 23.63 5.53
N LYS A 153 -7.40 24.65 5.07
CA LYS A 153 -6.74 25.95 5.14
C LYS A 153 -6.61 26.46 6.58
N ASP A 154 -7.28 25.83 7.54
CA ASP A 154 -7.28 26.29 8.92
C ASP A 154 -6.70 25.28 9.91
N GLY A 155 -5.91 24.31 9.45
CA GLY A 155 -5.32 23.32 10.35
C GLY A 155 -5.19 21.97 9.69
N VAL A 156 -4.93 20.95 10.51
CA VAL A 156 -4.74 19.59 10.05
C VAL A 156 -5.95 18.74 10.42
N THR A 157 -6.24 17.75 9.57
CA THR A 157 -7.29 16.79 9.87
C THR A 157 -6.79 15.41 9.45
N PRO A 158 -7.16 14.36 10.18
CA PRO A 158 -6.60 13.03 9.87
C PRO A 158 -7.22 12.46 8.62
N ILE A 159 -6.37 11.86 7.77
CA ILE A 159 -6.86 11.29 6.52
C ILE A 159 -7.85 10.17 6.80
N LYS A 160 -7.62 9.37 7.85
CA LYS A 160 -8.53 8.27 8.14
C LYS A 160 -9.94 8.78 8.39
N ASP A 161 -10.08 10.00 8.90
CA ASP A 161 -11.40 10.53 9.17
C ASP A 161 -12.12 10.94 7.89
N LEU A 162 -11.38 11.42 6.90
CA LEU A 162 -11.99 11.70 5.61
C LEU A 162 -12.50 10.42 4.96
N THR A 163 -11.71 9.33 5.02
CA THR A 163 -12.04 8.10 4.31
C THR A 163 -13.00 7.18 5.06
N ALA A 164 -13.02 7.21 6.40
CA ALA A 164 -13.84 6.26 7.16
C ALA A 164 -15.32 6.37 6.84
N HIS A 165 -15.78 7.53 6.36
CA HIS A 165 -17.18 7.69 5.96
C HIS A 165 -17.60 6.71 4.88
N PHE A 166 -16.64 6.10 4.18
CA PHE A 166 -16.95 5.22 3.07
C PHE A 166 -16.81 3.75 3.42
N ARG A 167 -16.48 3.44 4.68
CA ARG A 167 -16.41 2.08 5.17
C ARG A 167 -17.65 1.30 4.79
N GLY A 168 -17.54 -0.04 4.71
CA GLY A 168 -18.66 -0.84 4.24
C GLY A 168 -19.90 -0.67 5.10
N ASP A 169 -19.71 -0.46 6.40
CA ASP A 169 -20.82 -0.35 7.33
C ASP A 169 -21.39 1.06 7.41
N ARG A 170 -20.82 2.03 6.67
CA ARG A 170 -21.24 3.43 6.73
C ARG A 170 -21.61 3.99 5.37
N CYS A 171 -21.75 3.16 4.34
CA CYS A 171 -22.04 3.61 2.99
C CYS A 171 -22.46 2.40 2.17
N LYS A 172 -23.69 1.92 2.39
CA LYS A 172 -24.10 0.63 1.85
C LYS A 172 -24.11 0.62 0.32
N THR A 173 -24.33 1.77 -0.31
CA THR A 173 -24.48 1.82 -1.76
C THR A 173 -23.15 1.85 -2.51
N LEU A 174 -22.03 1.94 -1.79
CA LEU A 174 -20.71 1.70 -2.35
C LEU A 174 -20.12 0.38 -1.90
N LEU A 175 -20.88 -0.45 -1.17
CA LEU A 175 -20.36 -1.71 -0.69
C LEU A 175 -19.96 -2.61 -1.86
N GLU A 176 -18.77 -3.24 -1.75
CA GLU A 176 -18.17 -4.06 -2.80
C GLU A 176 -17.84 -3.26 -4.06
N LYS A 177 -17.72 -1.94 -3.96
CA LYS A 177 -17.34 -1.08 -5.07
C LYS A 177 -16.05 -0.35 -4.71
N PRO A 178 -15.17 -0.09 -5.69
CA PRO A 178 -13.91 0.58 -5.37
C PRO A 178 -14.14 2.01 -4.87
N LYS A 179 -13.50 2.35 -3.77
CA LYS A 179 -13.39 3.73 -3.28
C LYS A 179 -11.93 4.13 -3.37
N LEU A 180 -11.63 5.15 -4.16
CA LEU A 180 -10.27 5.51 -4.53
C LEU A 180 -9.89 6.87 -3.97
N PHE A 181 -8.72 6.94 -3.33
CA PHE A 181 -8.22 8.18 -2.76
C PHE A 181 -6.83 8.45 -3.32
N PHE A 182 -6.68 9.58 -4.02
CA PHE A 182 -5.40 10.02 -4.57
C PHE A 182 -4.94 11.20 -3.74
N ILE A 183 -3.75 11.10 -3.13
CA ILE A 183 -3.34 12.09 -2.13
C ILE A 183 -1.98 12.69 -2.49
N GLN A 184 -1.99 13.95 -2.92
CA GLN A 184 -0.79 14.75 -3.14
C GLN A 184 -0.55 15.59 -1.88
N ALA A 185 0.50 15.25 -1.13
CA ALA A 185 0.81 15.88 0.15
C ALA A 185 2.02 15.19 0.76
N CYS A 186 2.77 15.93 1.57
CA CYS A 186 3.91 15.35 2.27
C CYS A 186 3.44 14.37 3.33
N ARG A 187 4.32 13.41 3.66
CA ARG A 187 4.07 12.48 4.76
C ARG A 187 5.20 12.49 5.77
N GLY A 188 5.94 13.59 5.85
CA GLY A 188 7.09 13.68 6.72
C GLY A 188 8.15 14.54 6.07
N THR A 189 9.35 14.50 6.66
CA THR A 189 10.43 15.41 6.29
C THR A 189 11.70 14.68 5.88
N GLU A 190 11.62 13.39 5.60
CA GLU A 190 12.77 12.67 5.09
C GLU A 190 12.96 12.96 3.60
N LEU A 191 14.22 13.08 3.19
CA LEU A 191 14.58 13.27 1.81
C LEU A 191 15.10 11.96 1.22
N ASP A 192 14.70 11.68 0.00
CA ASP A 192 15.24 10.56 -0.76
C ASP A 192 16.39 11.11 -1.59
N ASP A 193 17.63 10.82 -1.18
CA ASP A 193 18.81 11.31 -1.89
C ASP A 193 19.02 10.64 -3.24
N GLY A 194 18.35 9.52 -3.49
CA GLY A 194 18.55 8.80 -4.73
C GLY A 194 19.88 8.06 -4.76
N ILE A 195 20.06 7.32 -5.85
CA ILE A 195 21.27 6.53 -6.09
C ILE A 195 21.32 6.22 -7.58
N GLN A 196 22.53 6.14 -8.13
CA GLN A 196 22.69 5.91 -9.57
C GLN A 196 22.57 4.44 -9.95
N LYS B 14 -20.60 -12.19 5.09
CA LYS B 14 -20.26 -10.82 5.45
C LYS B 14 -18.99 -10.36 4.72
N ILE B 15 -18.69 -9.07 4.81
CA ILE B 15 -17.61 -8.46 4.04
C ILE B 15 -16.90 -7.41 4.90
N PRO B 16 -15.57 -7.36 4.90
CA PRO B 16 -14.88 -6.45 5.82
C PRO B 16 -15.22 -5.00 5.51
N VAL B 17 -15.41 -4.22 6.57
CA VAL B 17 -15.77 -2.83 6.39
C VAL B 17 -14.62 -2.03 5.78
N GLU B 18 -13.39 -2.53 5.86
CA GLU B 18 -12.25 -1.83 5.28
C GLU B 18 -11.92 -2.29 3.87
N ALA B 19 -12.69 -3.21 3.30
CA ALA B 19 -12.35 -3.74 2.00
C ALA B 19 -12.72 -2.76 0.89
N ASP B 20 -12.02 -2.89 -0.24
CA ASP B 20 -12.32 -2.19 -1.49
C ASP B 20 -11.97 -0.71 -1.45
N PHE B 21 -11.01 -0.32 -0.61
CA PHE B 21 -10.35 0.97 -0.68
C PHE B 21 -9.03 0.86 -1.45
N LEU B 22 -8.65 1.94 -2.14
CA LEU B 22 -7.31 2.09 -2.69
C LEU B 22 -6.84 3.51 -2.43
N PHE B 23 -5.63 3.65 -1.88
CA PHE B 23 -4.99 4.93 -1.63
C PHE B 23 -3.78 5.03 -2.55
N ALA B 24 -3.80 6.03 -3.41
CA ALA B 24 -2.65 6.33 -4.27
C ALA B 24 -1.97 7.55 -3.67
N TYR B 25 -0.94 7.31 -2.86
CA TYR B 25 -0.21 8.42 -2.27
C TYR B 25 0.89 8.89 -3.22
N SER B 26 1.18 10.19 -3.15
CA SER B 26 2.24 10.73 -3.99
C SER B 26 3.64 10.34 -3.51
N THR B 27 3.79 9.94 -2.25
CA THR B 27 5.09 9.65 -1.69
C THR B 27 4.98 8.56 -0.61
N VAL B 28 6.14 8.07 -0.18
CA VAL B 28 6.18 6.99 0.82
C VAL B 28 6.05 7.59 2.22
N PRO B 29 5.60 6.82 3.21
CA PRO B 29 5.50 7.35 4.58
C PRO B 29 6.81 7.96 5.08
N GLY B 30 6.72 9.15 5.66
CA GLY B 30 7.88 9.82 6.23
C GLY B 30 8.61 10.78 5.31
N TYR B 31 8.20 10.91 4.05
CA TYR B 31 9.00 11.59 3.04
C TYR B 31 8.28 12.78 2.44
N TYR B 32 9.07 13.65 1.82
CA TYR B 32 8.56 14.83 1.14
C TYR B 32 7.81 14.44 -0.12
N SER B 33 6.95 15.35 -0.58
CA SER B 33 6.31 15.26 -1.88
C SER B 33 6.60 16.54 -2.63
N TRP B 34 7.09 16.42 -3.86
CA TRP B 34 7.65 17.55 -4.58
C TRP B 34 6.67 18.14 -5.59
N ARG B 35 6.76 19.45 -5.78
CA ARG B 35 5.85 20.19 -6.64
C ARG B 35 6.62 21.29 -7.39
N SER B 36 6.47 21.32 -8.75
CA SER B 36 7.03 22.41 -9.56
C SER B 36 6.02 23.54 -9.66
N PRO B 37 6.39 24.78 -9.31
CA PRO B 37 5.41 25.86 -9.34
C PRO B 37 4.89 26.15 -10.73
N GLY B 38 5.69 25.92 -11.77
CA GLY B 38 5.23 26.18 -13.12
C GLY B 38 4.56 25.04 -13.84
N ARG B 39 4.71 23.79 -13.33
CA ARG B 39 4.13 22.62 -13.99
C ARG B 39 3.26 21.75 -13.10
N GLY B 40 3.30 21.93 -11.78
CA GLY B 40 2.46 21.15 -10.90
C GLY B 40 3.27 20.11 -10.15
N SER B 41 2.58 19.35 -9.32
CA SER B 41 3.27 18.35 -8.53
C SER B 41 3.74 17.19 -9.43
N TRP B 42 4.86 16.58 -9.04
CA TRP B 42 5.43 15.48 -9.82
C TRP B 42 4.43 14.34 -9.99
N PHE B 43 3.78 13.96 -8.89
CA PHE B 43 2.85 12.84 -8.89
C PHE B 43 1.70 13.09 -9.86
N VAL B 44 1.12 14.29 -9.81
CA VAL B 44 -0.06 14.59 -10.62
C VAL B 44 0.32 14.75 -12.09
N GLN B 45 1.42 15.44 -12.39
CA GLN B 45 1.94 15.43 -13.75
C GLN B 45 2.00 14.01 -14.29
N ALA B 46 2.65 13.09 -13.55
CA ALA B 46 2.81 11.73 -14.05
C ALA B 46 1.48 10.99 -14.13
N LEU B 47 0.61 11.17 -13.13
CA LEU B 47 -0.69 10.50 -13.13
C LEU B 47 -1.53 10.93 -14.33
N CYS B 48 -1.55 12.22 -14.64
CA CYS B 48 -2.34 12.67 -15.77
C CYS B 48 -1.75 12.19 -17.09
N SER B 49 -0.42 12.24 -17.23
CA SER B 49 0.24 11.63 -18.39
C SER B 49 -0.27 10.22 -18.66
N ILE B 50 -0.22 9.36 -17.64
CA ILE B 50 -0.55 7.96 -17.86
C ILE B 50 -2.05 7.80 -18.13
N LEU B 51 -2.88 8.62 -17.47
CA LEU B 51 -4.32 8.51 -17.68
C LEU B 51 -4.74 8.95 -19.08
N GLU B 52 -4.12 10.01 -19.63
CA GLU B 52 -4.46 10.40 -21.00
C GLU B 52 -4.16 9.28 -21.99
N GLU B 53 -2.99 8.65 -21.86
CA GLU B 53 -2.64 7.63 -22.84
C GLU B 53 -3.34 6.30 -22.57
N HIS B 54 -3.59 5.94 -21.30
CA HIS B 54 -3.95 4.56 -20.99
C HIS B 54 -5.07 4.42 -19.95
N GLY B 55 -5.76 5.50 -19.58
CA GLY B 55 -6.78 5.40 -18.56
C GLY B 55 -7.86 4.40 -18.86
N LYS B 56 -8.12 4.13 -20.14
CA LYS B 56 -9.25 3.30 -20.50
C LYS B 56 -8.86 1.87 -20.89
N ASP B 57 -7.57 1.55 -21.07
CA ASP B 57 -7.23 0.19 -21.46
C ASP B 57 -6.29 -0.55 -20.53
N LEU B 58 -5.87 0.04 -19.40
CA LEU B 58 -5.02 -0.64 -18.43
C LEU B 58 -5.72 -0.75 -17.09
N GLU B 59 -5.35 -1.77 -16.30
CA GLU B 59 -5.93 -1.95 -14.98
C GLU B 59 -5.30 -0.95 -14.00
N ILE B 60 -6.02 -0.64 -12.92
CA ILE B 60 -5.64 0.49 -12.06
C ILE B 60 -4.22 0.30 -11.52
N MET B 61 -3.88 -0.92 -11.12
CA MET B 61 -2.52 -1.17 -10.62
C MET B 61 -1.47 -1.07 -11.74
N GLN B 62 -1.85 -1.34 -12.98
CA GLN B 62 -0.91 -1.10 -14.08
C GLN B 62 -0.67 0.39 -14.27
N ILE B 63 -1.76 1.17 -14.33
CA ILE B 63 -1.63 2.63 -14.45
C ILE B 63 -0.73 3.16 -13.35
N LEU B 64 -1.02 2.81 -12.09
CA LEU B 64 -0.30 3.40 -10.97
C LEU B 64 1.13 2.88 -10.87
N THR B 65 1.41 1.68 -11.38
CA THR B 65 2.80 1.23 -11.42
C THR B 65 3.60 2.03 -12.45
N ARG B 66 3.06 2.23 -13.65
CA ARG B 66 3.70 3.15 -14.60
C ARG B 66 3.88 4.54 -14.01
N VAL B 67 2.92 5.02 -13.22
CA VAL B 67 3.10 6.33 -12.56
C VAL B 67 4.30 6.29 -11.61
N ASN B 68 4.38 5.25 -10.78
CA ASN B 68 5.53 5.06 -9.91
C ASN B 68 6.85 5.18 -10.68
N ASP B 69 6.97 4.40 -11.77
CA ASP B 69 8.15 4.44 -12.61
C ASP B 69 8.43 5.84 -13.15
N ARG B 70 7.40 6.54 -13.63
CA ARG B 70 7.59 7.87 -14.21
C ARG B 70 8.07 8.87 -13.17
N VAL B 71 7.47 8.85 -11.96
CA VAL B 71 7.93 9.76 -10.91
C VAL B 71 9.36 9.40 -10.48
N ALA B 72 9.67 8.11 -10.43
CA ALA B 72 10.97 7.69 -9.93
C ALA B 72 12.08 8.09 -10.90
N ARG B 73 11.81 8.03 -12.20
CA ARG B 73 12.82 8.22 -13.23
C ARG B 73 12.85 9.63 -13.81
N HIS B 74 11.69 10.22 -14.09
CA HIS B 74 11.69 11.46 -14.87
C HIS B 74 11.96 12.72 -14.04
N PHE B 75 11.85 12.68 -12.72
CA PHE B 75 11.90 13.89 -11.92
C PHE B 75 13.08 13.92 -10.97
N GLU B 76 13.66 15.11 -10.84
CA GLU B 76 14.76 15.38 -9.92
C GLU B 76 14.64 16.83 -9.45
N SER B 77 14.71 17.05 -8.14
CA SER B 77 14.46 18.38 -7.61
C SER B 77 15.57 19.36 -8.00
N GLN B 78 15.18 20.60 -8.28
CA GLN B 78 16.10 21.69 -8.56
C GLN B 78 15.89 22.76 -7.50
N SER B 79 16.96 23.18 -6.84
CA SER B 79 16.82 24.01 -5.65
C SER B 79 18.07 24.86 -5.45
N ASP B 80 17.87 26.03 -4.83
CA ASP B 80 18.98 26.86 -4.39
C ASP B 80 19.74 26.18 -3.24
N ASP B 81 19.01 25.84 -2.16
CA ASP B 81 19.58 25.12 -1.03
C ASP B 81 20.16 23.78 -1.50
N PRO B 82 21.43 23.48 -1.21
CA PRO B 82 21.97 22.16 -1.62
C PRO B 82 21.47 21.02 -0.76
N HIS B 83 20.92 21.31 0.43
CA HIS B 83 20.23 20.28 1.21
C HIS B 83 19.06 19.69 0.45
N PHE B 84 18.50 20.43 -0.53
CA PHE B 84 17.35 19.98 -1.31
C PHE B 84 17.67 19.85 -2.79
N HIS B 85 18.95 19.83 -3.14
CA HIS B 85 19.37 19.73 -4.53
C HIS B 85 19.33 18.27 -5.00
N GLU B 86 18.65 18.03 -6.12
CA GLU B 86 18.71 16.76 -6.86
C GLU B 86 18.11 15.59 -6.07
N LYS B 87 17.04 15.84 -5.33
CA LYS B 87 16.37 14.81 -4.55
C LYS B 87 15.33 14.08 -5.39
N LYS B 88 14.98 12.88 -4.95
CA LYS B 88 14.14 11.97 -5.73
C LYS B 88 12.87 11.62 -4.95
N GLN B 89 11.94 10.97 -5.64
CA GLN B 89 10.65 10.63 -5.04
C GLN B 89 10.10 9.35 -5.66
N ILE B 90 9.51 8.51 -4.83
CA ILE B 90 8.74 7.36 -5.30
C ILE B 90 7.36 7.43 -4.65
N PRO B 91 6.28 7.31 -5.41
CA PRO B 91 4.94 7.27 -4.82
C PRO B 91 4.67 5.92 -4.16
N CYS B 92 3.46 5.77 -3.64
CA CYS B 92 3.15 4.65 -2.75
C CYS B 92 1.67 4.30 -2.88
N VAL B 93 1.38 3.10 -3.40
CA VAL B 93 0.02 2.63 -3.61
C VAL B 93 -0.35 1.66 -2.50
N VAL B 94 -1.48 1.89 -1.86
CA VAL B 94 -2.02 1.00 -0.82
C VAL B 94 -3.34 0.45 -1.35
N SER B 95 -3.40 -0.86 -1.55
CA SER B 95 -4.58 -1.46 -2.17
C SER B 95 -5.23 -2.45 -1.24
N MET B 96 -6.49 -2.20 -0.92
CA MET B 96 -7.38 -3.17 -0.31
C MET B 96 -8.43 -3.62 -1.32
N LEU B 97 -8.15 -3.43 -2.60
CA LEU B 97 -9.07 -3.88 -3.64
C LEU B 97 -9.17 -5.42 -3.62
N THR B 98 -10.35 -5.92 -4.02
CA THR B 98 -10.64 -7.35 -4.07
C THR B 98 -10.84 -7.85 -5.50
N LYS B 99 -10.75 -6.97 -6.49
CA LYS B 99 -10.94 -7.30 -7.89
C LYS B 99 -10.07 -6.37 -8.72
N GLU B 100 -9.87 -6.74 -9.98
CA GLU B 100 -9.23 -5.81 -10.90
C GLU B 100 -10.20 -4.68 -11.28
N LEU B 101 -9.63 -3.53 -11.63
CA LEU B 101 -10.42 -2.33 -11.91
C LEU B 101 -10.01 -1.71 -13.23
N TYR B 102 -10.93 -1.70 -14.19
CA TYR B 102 -10.78 -1.00 -15.46
C TYR B 102 -11.83 0.11 -15.52
N PHE B 103 -11.50 1.22 -16.16
CA PHE B 103 -12.46 2.31 -16.31
C PHE B 103 -13.16 2.22 -17.68
N SER B 104 -13.90 1.13 -17.88
CA SER B 104 -14.67 0.92 -19.12
C SER B 104 -15.41 -0.41 -19.07
N THR C 57 10.31 -1.66 -22.19
CA THR C 57 9.39 -2.67 -21.66
C THR C 57 8.85 -2.31 -20.27
N TYR C 58 7.80 -3.02 -19.88
CA TYR C 58 7.00 -2.68 -18.71
C TYR C 58 7.06 -3.75 -17.61
N GLN C 59 7.87 -4.78 -17.78
CA GLN C 59 7.99 -5.80 -16.74
C GLN C 59 9.42 -5.84 -16.21
N TYR C 60 9.55 -6.26 -14.95
CA TYR C 60 10.86 -6.50 -14.38
C TYR C 60 11.56 -7.58 -15.18
N ASN C 61 12.82 -7.35 -15.53
CA ASN C 61 13.60 -8.33 -16.28
C ASN C 61 13.87 -9.54 -15.39
N MET C 62 13.40 -10.71 -15.83
CA MET C 62 13.55 -11.95 -15.07
C MET C 62 14.62 -12.87 -15.66
N ASN C 63 15.45 -12.37 -16.57
CA ASN C 63 16.44 -13.20 -17.25
C ASN C 63 17.74 -13.17 -16.44
N PHE C 64 17.74 -13.96 -15.37
CA PHE C 64 18.86 -14.03 -14.44
C PHE C 64 19.08 -15.49 -14.10
N GLU C 65 20.29 -15.80 -13.63
CA GLU C 65 20.64 -17.18 -13.32
C GLU C 65 19.70 -17.76 -12.26
N LYS C 66 19.28 -16.96 -11.27
CA LYS C 66 18.34 -17.46 -10.27
C LYS C 66 17.21 -16.45 -10.04
N LEU C 67 16.06 -16.99 -9.65
CA LEU C 67 14.93 -16.14 -9.28
C LEU C 67 15.30 -15.26 -8.09
N GLY C 68 15.89 -15.85 -7.07
CA GLY C 68 16.46 -15.10 -5.98
C GLY C 68 16.23 -15.81 -4.65
N LYS C 69 16.65 -15.17 -3.57
CA LYS C 69 16.57 -15.73 -2.23
C LYS C 69 15.20 -15.48 -1.61
N CYS C 70 14.68 -16.46 -0.86
CA CYS C 70 13.47 -16.27 -0.08
C CYS C 70 13.75 -16.63 1.38
N ILE C 71 13.72 -15.62 2.25
CA ILE C 71 14.00 -15.79 3.67
C ILE C 71 12.68 -15.80 4.44
N ILE C 72 12.45 -16.85 5.21
CA ILE C 72 11.25 -17.00 6.01
C ILE C 72 11.65 -16.96 7.48
N ILE C 73 11.04 -16.05 8.24
CA ILE C 73 11.27 -15.99 9.68
C ILE C 73 9.99 -16.50 10.35
N ASN C 74 10.11 -17.63 11.03
CA ASN C 74 8.98 -18.35 11.59
C ASN C 74 9.10 -18.27 13.11
N ASN C 75 8.47 -17.24 13.70
CA ASN C 75 8.57 -16.99 15.14
C ASN C 75 7.34 -17.59 15.82
N LYS C 76 7.55 -18.67 16.58
CA LYS C 76 6.45 -19.38 17.23
C LYS C 76 6.45 -19.22 18.74
N ASN C 77 7.63 -19.20 19.36
CA ASN C 77 7.80 -19.16 20.80
C ASN C 77 8.48 -17.86 21.18
N PHE C 78 8.07 -17.31 22.33
CA PHE C 78 8.45 -15.97 22.77
C PHE C 78 8.79 -15.99 24.25
N ASP C 79 9.80 -15.23 24.63
CA ASP C 79 10.20 -15.15 26.04
C ASP C 79 9.01 -14.68 26.88
N LYS C 80 8.84 -15.31 28.04
CA LYS C 80 7.70 -15.04 28.90
C LYS C 80 7.52 -13.55 29.15
N VAL C 81 8.62 -12.83 29.36
CA VAL C 81 8.55 -11.42 29.78
C VAL C 81 7.89 -10.55 28.73
N THR C 82 7.89 -10.98 27.45
CA THR C 82 7.23 -10.19 26.41
C THR C 82 5.72 -10.24 26.51
N GLY C 83 5.15 -11.15 27.31
CA GLY C 83 3.72 -11.37 27.40
C GLY C 83 3.10 -12.18 26.27
N MET C 84 3.87 -12.59 25.26
CA MET C 84 3.29 -13.16 24.04
C MET C 84 3.24 -14.67 24.13
N GLY C 85 2.15 -15.25 23.60
CA GLY C 85 1.97 -16.69 23.66
C GLY C 85 2.44 -17.42 22.40
N VAL C 86 2.45 -18.75 22.52
CA VAL C 86 2.80 -19.63 21.41
C VAL C 86 1.85 -19.39 20.24
N ARG C 87 2.42 -19.26 19.03
CA ARG C 87 1.61 -19.00 17.83
C ARG C 87 1.30 -20.32 17.14
N ASN C 88 0.31 -21.03 17.69
CA ASN C 88 -0.08 -22.32 17.14
C ASN C 88 -0.61 -22.15 15.72
N GLY C 89 -0.15 -23.04 14.83
CA GLY C 89 -0.48 -22.96 13.43
C GLY C 89 0.59 -22.34 12.55
N THR C 90 1.60 -21.71 13.14
CA THR C 90 2.59 -21.04 12.31
C THR C 90 3.55 -22.02 11.63
N ASP C 91 3.78 -23.20 12.22
CA ASP C 91 4.61 -24.21 11.54
C ASP C 91 3.98 -24.64 10.21
N LYS C 92 2.65 -24.78 10.19
CA LYS C 92 1.96 -25.09 8.94
C LYS C 92 2.13 -23.97 7.92
N ASP C 93 2.07 -22.70 8.38
CA ASP C 93 2.32 -21.57 7.49
C ASP C 93 3.70 -21.66 6.89
N ALA C 94 4.72 -21.84 7.73
CA ALA C 94 6.10 -21.87 7.28
C ALA C 94 6.33 -23.01 6.30
N GLU C 95 5.75 -24.18 6.58
CA GLU C 95 5.89 -25.32 5.69
C GLU C 95 5.27 -25.04 4.34
N ALA C 96 4.05 -24.48 4.34
CA ALA C 96 3.36 -24.25 3.07
C ALA C 96 4.01 -23.11 2.30
N LEU C 97 4.60 -22.14 3.00
CA LEU C 97 5.29 -21.07 2.30
C LEU C 97 6.57 -21.57 1.65
N PHE C 98 7.34 -22.42 2.35
CA PHE C 98 8.59 -22.84 1.74
C PHE C 98 8.34 -23.78 0.56
N LYS C 99 7.36 -24.67 0.67
CA LYS C 99 7.00 -25.49 -0.50
C LYS C 99 6.58 -24.60 -1.66
N CYS C 100 5.69 -23.63 -1.38
N CYS C 100 5.75 -23.61 -1.37
CA CYS C 100 5.20 -22.74 -2.44
CA CYS C 100 5.20 -22.76 -2.42
C CYS C 100 6.34 -21.95 -3.08
C CYS C 100 6.27 -21.89 -3.06
N PHE C 101 7.13 -21.26 -2.25
CA PHE C 101 8.19 -20.43 -2.81
C PHE C 101 9.33 -21.25 -3.40
N ARG C 102 9.49 -22.51 -2.99
CA ARG C 102 10.44 -23.38 -3.69
C ARG C 102 9.93 -23.70 -5.10
N SER C 103 8.64 -24.04 -5.23
CA SER C 103 8.03 -24.23 -6.54
C SER C 103 8.30 -23.06 -7.46
N LEU C 104 8.15 -21.83 -6.96
CA LEU C 104 8.37 -20.66 -7.80
C LEU C 104 9.81 -20.60 -8.31
N GLY C 105 10.76 -21.21 -7.59
CA GLY C 105 12.17 -21.12 -7.99
C GLY C 105 13.07 -20.38 -7.03
N PHE C 106 12.57 -19.87 -5.91
CA PHE C 106 13.39 -19.20 -4.90
C PHE C 106 14.29 -20.19 -4.16
N ASP C 107 15.47 -19.72 -3.75
CA ASP C 107 16.26 -20.46 -2.77
C ASP C 107 15.72 -20.10 -1.38
N VAL C 108 14.92 -20.99 -0.81
CA VAL C 108 14.22 -20.76 0.44
C VAL C 108 15.11 -21.11 1.64
N ILE C 109 15.07 -20.24 2.65
CA ILE C 109 15.76 -20.43 3.92
C ILE C 109 14.75 -20.15 5.03
N VAL C 110 14.53 -21.11 5.93
CA VAL C 110 13.61 -20.94 7.05
C VAL C 110 14.40 -20.79 8.35
N TYR C 111 14.24 -19.64 9.00
CA TYR C 111 14.71 -19.35 10.35
C TYR C 111 13.54 -19.50 11.33
N ASN C 112 13.85 -19.79 12.59
CA ASN C 112 12.84 -20.14 13.59
C ASN C 112 13.15 -19.51 14.94
N ASP C 113 12.13 -18.94 15.58
CA ASP C 113 12.25 -18.35 16.93
C ASP C 113 13.46 -17.43 17.03
N CYS C 114 13.45 -16.36 16.22
CA CYS C 114 14.59 -15.45 16.17
C CYS C 114 14.43 -14.32 17.18
N SER C 115 15.53 -13.95 17.81
CA SER C 115 15.56 -12.73 18.60
C SER C 115 15.50 -11.52 17.66
N CYS C 116 15.24 -10.36 18.27
CA CYS C 116 15.26 -9.11 17.51
C CYS C 116 16.63 -8.89 16.88
N ALA C 117 17.70 -9.08 17.67
CA ALA C 117 19.04 -8.92 17.12
C ALA C 117 19.34 -9.95 16.03
N LYS C 118 18.83 -11.18 16.16
CA LYS C 118 19.02 -12.13 15.06
C LYS C 118 18.26 -11.68 13.81
N MET C 119 17.07 -11.11 13.98
CA MET C 119 16.31 -10.71 12.80
C MET C 119 16.99 -9.56 12.07
N GLN C 120 17.54 -8.60 12.82
CA GLN C 120 18.30 -7.51 12.18
C GLN C 120 19.57 -8.04 11.54
N ASP C 121 20.29 -8.91 12.25
CA ASP C 121 21.57 -9.37 11.74
C ASP C 121 21.40 -10.18 10.47
N LEU C 122 20.47 -11.14 10.47
CA LEU C 122 20.35 -11.97 9.28
C LEU C 122 19.83 -11.16 8.10
N LEU C 123 18.96 -10.17 8.31
CA LEU C 123 18.53 -9.37 7.16
C LEU C 123 19.64 -8.44 6.69
N LYS C 124 20.42 -7.89 7.61
CA LYS C 124 21.55 -7.06 7.22
C LYS C 124 22.58 -7.88 6.44
N LYS C 125 22.88 -9.10 6.90
CA LYS C 125 23.83 -9.94 6.15
C LYS C 125 23.28 -10.32 4.79
N ALA C 126 21.98 -10.61 4.70
CA ALA C 126 21.40 -10.94 3.40
C ALA C 126 21.46 -9.75 2.43
N SER C 127 21.36 -8.52 2.94
CA SER C 127 21.54 -7.36 2.06
C SER C 127 23.00 -7.13 1.65
N GLU C 128 23.96 -7.75 2.33
CA GLU C 128 25.36 -7.61 1.97
C GLU C 128 25.85 -8.69 1.02
N GLU C 129 25.03 -9.71 0.76
CA GLU C 129 25.40 -10.73 -0.20
C GLU C 129 25.34 -10.16 -1.62
N ASP C 130 25.89 -10.93 -2.56
CA ASP C 130 25.95 -10.53 -3.96
C ASP C 130 24.70 -11.07 -4.65
N HIS C 131 23.79 -10.18 -5.01
CA HIS C 131 22.54 -10.55 -5.68
C HIS C 131 22.61 -10.28 -7.17
N THR C 132 23.82 -10.01 -7.69
CA THR C 132 23.97 -9.63 -9.10
C THR C 132 23.26 -10.59 -10.04
N ASN C 133 23.29 -11.88 -9.73
CA ASN C 133 22.69 -12.86 -10.65
C ASN C 133 21.30 -13.32 -10.21
N ALA C 134 20.65 -12.58 -9.31
CA ALA C 134 19.28 -12.87 -8.90
C ALA C 134 18.33 -11.80 -9.46
N ALA C 135 17.10 -12.22 -9.76
CA ALA C 135 16.09 -11.32 -10.32
C ALA C 135 15.38 -10.49 -9.25
N CYS C 136 15.30 -10.99 -8.03
CA CYS C 136 14.54 -10.32 -6.97
C CYS C 136 14.92 -10.96 -5.63
N PHE C 137 14.29 -10.44 -4.58
CA PHE C 137 14.49 -10.93 -3.21
C PHE C 137 13.13 -10.94 -2.51
N ALA C 138 12.96 -11.90 -1.61
CA ALA C 138 11.69 -12.07 -0.93
C ALA C 138 11.95 -12.43 0.53
N CYS C 139 11.19 -11.78 1.44
CA CYS C 139 11.25 -12.10 2.85
C CYS C 139 9.84 -12.23 3.39
N ILE C 140 9.62 -13.22 4.25
CA ILE C 140 8.32 -13.49 4.83
C ILE C 140 8.47 -13.51 6.33
N LEU C 141 7.68 -12.70 7.02
CA LEU C 141 7.74 -12.59 8.48
C LEU C 141 6.46 -13.13 9.10
N LEU C 142 6.62 -14.04 10.07
CA LEU C 142 5.50 -14.68 10.75
C LEU C 142 5.69 -14.51 12.26
N SER C 143 4.88 -13.66 12.89
CA SER C 143 5.14 -13.36 14.29
C SER C 143 3.97 -12.57 14.86
N HIS C 144 4.05 -12.30 16.16
CA HIS C 144 3.22 -11.28 16.74
C HIS C 144 3.65 -9.92 16.20
N GLY C 145 2.74 -8.96 16.28
CA GLY C 145 3.06 -7.62 15.85
C GLY C 145 2.09 -6.63 16.40
N GLU C 146 2.50 -5.37 16.38
CA GLU C 146 1.66 -4.19 16.57
C GLU C 146 2.08 -3.20 15.49
N GLU C 147 1.41 -2.05 15.46
CA GLU C 147 1.56 -1.13 14.34
C GLU C 147 3.03 -0.74 14.15
N ASN C 148 3.52 -0.91 12.92
CA ASN C 148 4.88 -0.57 12.48
C ASN C 148 5.95 -1.48 13.07
N VAL C 149 5.58 -2.53 13.77
CA VAL C 149 6.53 -3.21 14.62
C VAL C 149 6.30 -4.73 14.56
N ILE C 150 7.37 -5.48 14.74
CA ILE C 150 7.24 -6.94 14.75
C ILE C 150 8.03 -7.51 15.92
N TYR C 151 7.53 -8.61 16.45
CA TYR C 151 8.14 -9.26 17.59
C TYR C 151 9.21 -10.26 17.15
N GLY C 152 10.40 -10.12 17.72
CA GLY C 152 11.30 -11.21 17.92
C GLY C 152 10.93 -11.87 19.23
N LYS C 153 11.64 -12.94 19.58
CA LYS C 153 11.24 -13.65 20.79
C LYS C 153 11.45 -12.83 22.05
N ASP C 154 12.32 -11.81 22.01
CA ASP C 154 12.70 -11.08 23.19
C ASP C 154 12.19 -9.63 23.19
N GLY C 155 11.35 -9.28 22.26
CA GLY C 155 10.80 -7.95 22.25
C GLY C 155 10.37 -7.56 20.84
N VAL C 156 10.43 -6.27 20.56
CA VAL C 156 9.80 -5.70 19.38
C VAL C 156 10.84 -4.89 18.60
N THR C 157 10.73 -4.93 17.26
CA THR C 157 11.66 -4.24 16.38
C THR C 157 10.87 -3.59 15.24
N PRO C 158 11.23 -2.37 14.82
CA PRO C 158 10.46 -1.69 13.76
C PRO C 158 10.61 -2.40 12.41
N ILE C 159 9.47 -2.63 11.75
CA ILE C 159 9.51 -3.26 10.43
C ILE C 159 10.38 -2.44 9.47
N LYS C 160 10.33 -1.10 9.57
CA LYS C 160 11.10 -0.26 8.65
C LYS C 160 12.60 -0.51 8.79
N ASP C 161 13.08 -0.76 10.02
CA ASP C 161 14.50 -1.01 10.21
C ASP C 161 14.91 -2.36 9.61
N LEU C 162 13.99 -3.34 9.57
CA LEU C 162 14.31 -4.61 8.93
C LEU C 162 14.46 -4.45 7.43
N THR C 163 13.55 -3.70 6.80
CA THR C 163 13.54 -3.58 5.35
C THR C 163 14.50 -2.53 4.82
N ALA C 164 14.91 -1.56 5.65
CA ALA C 164 15.81 -0.50 5.20
C ALA C 164 17.15 -1.05 4.74
N HIS C 165 17.58 -2.21 5.26
CA HIS C 165 18.82 -2.82 4.79
C HIS C 165 18.84 -2.99 3.27
N PHE C 166 17.68 -3.11 2.62
CA PHE C 166 17.62 -3.39 1.20
C PHE C 166 17.33 -2.13 0.36
N ARG C 167 17.39 -0.95 0.96
CA ARG C 167 17.28 0.30 0.22
C ARG C 167 18.27 0.34 -0.93
N GLY C 168 18.00 1.16 -1.95
CA GLY C 168 18.86 1.20 -3.11
C GLY C 168 20.29 1.59 -2.79
N ASP C 169 20.48 2.52 -1.84
CA ASP C 169 21.80 2.99 -1.48
C ASP C 169 22.55 2.05 -0.54
N ARG C 170 21.91 0.97 -0.05
CA ARG C 170 22.49 0.07 0.94
C ARG C 170 22.56 -1.37 0.48
N CYS C 171 22.04 -1.66 -0.70
CA CYS C 171 22.01 -2.99 -1.26
C CYS C 171 22.03 -2.79 -2.76
N LYS C 172 23.22 -2.45 -3.26
CA LYS C 172 23.37 -1.99 -4.64
C LYS C 172 23.14 -3.10 -5.65
N THR C 173 23.25 -4.37 -5.23
CA THR C 173 23.04 -5.47 -6.16
C THR C 173 21.57 -5.88 -6.28
N LEU C 174 20.66 -5.30 -5.50
CA LEU C 174 19.23 -5.44 -5.76
C LEU C 174 18.63 -4.15 -6.32
N LEU C 175 19.45 -3.17 -6.69
CA LEU C 175 18.95 -1.93 -7.29
C LEU C 175 18.10 -2.21 -8.54
N GLU C 176 16.94 -1.55 -8.64
CA GLU C 176 15.99 -1.73 -9.74
C GLU C 176 15.40 -3.13 -9.79
N LYS C 177 15.56 -3.92 -8.74
CA LYS C 177 14.94 -5.22 -8.69
C LYS C 177 13.89 -5.25 -7.58
N PRO C 178 12.84 -6.06 -7.74
CA PRO C 178 11.78 -6.06 -6.74
C PRO C 178 12.23 -6.72 -5.44
N LYS C 179 11.87 -6.09 -4.32
CA LYS C 179 12.21 -6.54 -2.97
C LYS C 179 10.87 -6.74 -2.25
N LEU C 180 10.52 -7.99 -1.98
CA LEU C 180 9.18 -8.36 -1.55
C LEU C 180 9.20 -8.74 -0.07
N PHE C 181 8.27 -8.17 0.69
CA PHE C 181 8.12 -8.49 2.10
C PHE C 181 6.68 -8.88 2.36
N PHE C 182 6.46 -10.11 2.80
CA PHE C 182 5.14 -10.61 3.18
C PHE C 182 5.09 -10.71 4.69
N ILE C 183 4.10 -10.08 5.32
CA ILE C 183 4.10 -9.92 6.78
C ILE C 183 2.78 -10.43 7.36
N GLN C 184 2.87 -11.52 8.13
CA GLN C 184 1.75 -12.06 8.88
C GLN C 184 1.97 -11.65 10.33
N ALA C 185 1.17 -10.68 10.79
CA ALA C 185 1.31 -10.09 12.12
C ALA C 185 0.20 -9.06 12.30
N CYS C 186 -0.27 -8.88 13.53
CA CYS C 186 -1.24 -7.82 13.78
C CYS C 186 -0.60 -6.46 13.53
N ARG C 187 -1.45 -5.45 13.34
CA ARG C 187 -0.98 -4.08 13.22
C ARG C 187 -1.73 -3.17 14.19
N GLY C 188 -2.25 -3.75 15.26
CA GLY C 188 -3.08 -3.03 16.20
C GLY C 188 -4.16 -3.95 16.73
N THR C 189 -5.17 -3.33 17.35
CA THR C 189 -6.16 -4.06 18.12
C THR C 189 -7.61 -3.82 17.67
N GLU C 190 -7.81 -3.19 16.52
CA GLU C 190 -9.17 -2.98 16.03
C GLU C 190 -9.71 -4.25 15.40
N LEU C 191 -10.99 -4.51 15.62
CA LEU C 191 -11.70 -5.63 15.00
C LEU C 191 -12.52 -5.12 13.83
N ASP C 192 -12.56 -5.91 12.77
CA ASP C 192 -13.42 -5.64 11.62
C ASP C 192 -14.67 -6.53 11.77
N ASP C 193 -15.82 -5.89 12.04
CA ASP C 193 -17.05 -6.63 12.32
C ASP C 193 -17.77 -7.08 11.05
N GLY C 194 -17.54 -6.42 9.93
CA GLY C 194 -18.09 -6.84 8.65
C GLY C 194 -19.51 -6.33 8.41
N ILE C 195 -19.98 -6.59 7.19
CA ILE C 195 -21.34 -6.29 6.74
C ILE C 195 -21.73 -7.38 5.74
N GLN C 196 -22.99 -7.79 5.75
CA GLN C 196 -23.42 -8.89 4.87
C GLN C 196 -23.85 -8.40 3.49
N LYS D 14 19.74 8.47 -11.91
CA LYS D 14 19.42 8.28 -10.48
C LYS D 14 18.02 7.68 -10.20
N ILE D 15 17.95 6.92 -9.10
CA ILE D 15 16.83 6.07 -8.72
C ILE D 15 16.51 6.35 -7.25
N PRO D 16 15.24 6.45 -6.85
CA PRO D 16 14.94 6.64 -5.43
C PRO D 16 15.40 5.45 -4.60
N VAL D 17 15.95 5.73 -3.42
CA VAL D 17 16.41 4.63 -2.58
C VAL D 17 15.26 3.75 -2.11
N GLU D 18 14.02 4.29 -2.07
CA GLU D 18 12.87 3.52 -1.61
C GLU D 18 12.07 2.85 -2.73
N ALA D 19 12.52 2.96 -3.97
CA ALA D 19 11.81 2.34 -5.08
C ALA D 19 11.95 0.81 -5.07
N ASP D 20 10.94 0.14 -5.65
CA ASP D 20 10.99 -1.27 -5.99
C ASP D 20 10.85 -2.17 -4.77
N PHE D 21 10.20 -1.68 -3.72
CA PHE D 21 9.71 -2.48 -2.60
C PHE D 21 8.24 -2.83 -2.82
N LEU D 22 7.82 -3.98 -2.28
CA LEU D 22 6.41 -4.30 -2.12
C LEU D 22 6.21 -4.92 -0.75
N PHE D 23 5.21 -4.43 -0.01
CA PHE D 23 4.84 -4.96 1.30
C PHE D 23 3.45 -5.58 1.19
N ALA D 24 3.39 -6.90 1.27
CA ALA D 24 2.12 -7.63 1.34
C ALA D 24 1.81 -7.91 2.82
N TYR D 25 1.08 -7.00 3.46
CA TYR D 25 0.67 -7.19 4.86
C TYR D 25 -0.60 -8.04 4.93
N SER D 26 -0.70 -8.87 5.97
CA SER D 26 -1.91 -9.66 6.16
C SER D 26 -3.13 -8.82 6.53
N THR D 27 -2.93 -7.61 7.02
CA THR D 27 -4.06 -6.84 7.56
C THR D 27 -3.77 -5.36 7.37
N VAL D 28 -4.82 -4.55 7.54
CA VAL D 28 -4.72 -3.10 7.33
C VAL D 28 -4.13 -2.48 8.59
N PRO D 29 -3.58 -1.26 8.54
CA PRO D 29 -3.02 -0.65 9.75
C PRO D 29 -4.09 -0.49 10.82
N GLY D 30 -3.71 -0.76 12.06
CA GLY D 30 -4.60 -0.65 13.20
C GLY D 30 -5.32 -1.93 13.58
N TYR D 31 -5.35 -2.95 12.72
CA TYR D 31 -6.27 -4.06 12.90
C TYR D 31 -5.58 -5.34 13.33
N TYR D 32 -6.41 -6.24 13.86
CA TYR D 32 -5.96 -7.57 14.20
C TYR D 32 -5.66 -8.37 12.94
N SER D 33 -4.97 -9.48 13.12
CA SER D 33 -4.70 -10.42 12.04
C SER D 33 -4.94 -11.81 12.61
N TRP D 34 -5.74 -12.61 11.90
CA TRP D 34 -6.31 -13.82 12.45
C TRP D 34 -5.57 -15.07 11.97
N ARG D 35 -5.47 -16.05 12.87
CA ARG D 35 -4.72 -17.27 12.61
C ARG D 35 -5.48 -18.44 13.19
N SER D 36 -5.59 -19.49 12.43
CA SER D 36 -6.25 -20.67 12.92
C SER D 36 -5.23 -21.72 13.33
N PRO D 37 -5.34 -22.29 14.54
CA PRO D 37 -4.28 -23.20 15.02
C PRO D 37 -4.14 -24.48 14.20
N GLY D 38 -5.19 -24.93 13.54
CA GLY D 38 -5.09 -26.14 12.76
C GLY D 38 -4.71 -25.90 11.33
N ARG D 39 -5.20 -24.82 10.73
CA ARG D 39 -4.96 -24.59 9.32
C ARG D 39 -3.89 -23.55 9.05
N GLY D 40 -3.51 -22.75 10.04
CA GLY D 40 -2.59 -21.66 9.82
C GLY D 40 -3.32 -20.34 9.70
N SER D 41 -2.53 -19.29 9.48
CA SER D 41 -3.10 -17.95 9.42
C SER D 41 -3.87 -17.76 8.12
N TRP D 42 -4.88 -16.90 8.16
CA TRP D 42 -5.79 -16.79 7.02
C TRP D 42 -5.06 -16.26 5.79
N PHE D 43 -4.24 -15.23 5.99
CA PHE D 43 -3.50 -14.64 4.89
C PHE D 43 -2.57 -15.66 4.24
N VAL D 44 -1.79 -16.37 5.05
CA VAL D 44 -0.81 -17.31 4.48
C VAL D 44 -1.52 -18.41 3.70
N GLN D 45 -2.58 -19.01 4.27
CA GLN D 45 -3.24 -20.10 3.53
C GLN D 45 -3.93 -19.57 2.27
N ALA D 46 -4.48 -18.36 2.29
CA ALA D 46 -4.97 -17.76 1.06
C ALA D 46 -3.84 -17.54 0.06
N LEU D 47 -2.73 -16.94 0.53
CA LEU D 47 -1.62 -16.65 -0.35
C LEU D 47 -1.07 -17.92 -1.00
N CYS D 48 -0.87 -18.97 -0.19
CA CYS D 48 -0.28 -20.19 -0.71
C CYS D 48 -1.19 -20.85 -1.75
N SER D 49 -2.50 -20.88 -1.48
CA SER D 49 -3.40 -21.53 -2.41
C SER D 49 -3.47 -20.77 -3.74
N ILE D 50 -3.48 -19.44 -3.70
CA ILE D 50 -3.47 -18.68 -4.95
C ILE D 50 -2.15 -18.87 -5.69
N LEU D 51 -1.02 -18.89 -4.96
CA LEU D 51 0.25 -19.04 -5.65
C LEU D 51 0.41 -20.41 -6.28
N GLU D 52 -0.18 -21.44 -5.65
CA GLU D 52 -0.10 -22.79 -6.22
C GLU D 52 -0.83 -22.87 -7.55
N GLU D 53 -2.00 -22.24 -7.66
CA GLU D 53 -2.75 -22.32 -8.91
C GLU D 53 -2.30 -21.29 -9.94
N HIS D 54 -1.69 -20.19 -9.51
CA HIS D 54 -1.49 -19.08 -10.43
C HIS D 54 -0.15 -18.38 -10.28
N GLY D 55 0.73 -18.83 -9.40
CA GLY D 55 1.96 -18.11 -9.13
C GLY D 55 2.86 -17.94 -10.34
N LYS D 56 2.70 -18.78 -11.36
CA LYS D 56 3.57 -18.67 -12.52
C LYS D 56 2.87 -18.05 -13.73
N ASP D 57 1.60 -17.66 -13.62
CA ASP D 57 0.94 -17.03 -14.76
C ASP D 57 0.32 -15.66 -14.48
N LEU D 58 0.13 -15.26 -13.22
CA LEU D 58 -0.47 -13.97 -12.88
C LEU D 58 0.59 -12.96 -12.45
N GLU D 59 0.30 -11.68 -12.68
CA GLU D 59 1.15 -10.62 -12.16
C GLU D 59 0.97 -10.51 -10.65
N ILE D 60 2.01 -10.02 -9.96
CA ILE D 60 2.04 -10.07 -8.50
C ILE D 60 0.84 -9.34 -7.89
N MET D 61 0.42 -8.20 -8.48
CA MET D 61 -0.75 -7.50 -7.97
C MET D 61 -2.04 -8.24 -8.29
N GLN D 62 -2.09 -8.97 -9.42
CA GLN D 62 -3.24 -9.83 -9.64
C GLN D 62 -3.27 -10.94 -8.60
N ILE D 63 -2.11 -11.48 -8.25
CA ILE D 63 -2.06 -12.53 -7.23
C ILE D 63 -2.55 -11.97 -5.90
N LEU D 64 -2.06 -10.81 -5.51
CA LEU D 64 -2.39 -10.30 -4.18
C LEU D 64 -3.79 -9.73 -4.11
N THR D 65 -4.34 -9.28 -5.24
CA THR D 65 -5.74 -8.86 -5.26
C THR D 65 -6.68 -10.04 -5.06
N ARG D 66 -6.33 -11.21 -5.61
CA ARG D 66 -7.15 -12.41 -5.38
C ARG D 66 -6.97 -12.92 -3.95
N VAL D 67 -5.77 -12.78 -3.40
CA VAL D 67 -5.57 -13.04 -1.98
C VAL D 67 -6.44 -12.12 -1.15
N ASN D 68 -6.51 -10.84 -1.54
CA ASN D 68 -7.40 -9.92 -0.82
C ASN D 68 -8.83 -10.44 -0.81
N ASP D 69 -9.33 -10.82 -2.00
CA ASP D 69 -10.69 -11.32 -2.09
C ASP D 69 -10.91 -12.56 -1.22
N ARG D 70 -9.96 -13.51 -1.26
CA ARG D 70 -10.19 -14.79 -0.59
C ARG D 70 -10.19 -14.64 0.93
N VAL D 71 -9.26 -13.85 1.47
CA VAL D 71 -9.32 -13.56 2.90
C VAL D 71 -10.62 -12.84 3.25
N ALA D 72 -11.05 -11.92 2.39
CA ALA D 72 -12.19 -11.07 2.74
C ALA D 72 -13.50 -11.85 2.71
N ARG D 73 -13.64 -12.80 1.79
CA ARG D 73 -14.90 -13.51 1.60
C ARG D 73 -14.95 -14.84 2.33
N HIS D 74 -13.85 -15.59 2.35
CA HIS D 74 -13.87 -16.99 2.78
C HIS D 74 -13.61 -17.19 4.27
N PHE D 75 -13.27 -16.14 5.04
CA PHE D 75 -12.84 -16.33 6.42
C PHE D 75 -13.63 -15.48 7.40
N GLU D 76 -14.04 -16.10 8.51
CA GLU D 76 -14.80 -15.43 9.55
C GLU D 76 -14.35 -16.02 10.87
N SER D 77 -14.05 -15.16 11.85
CA SER D 77 -13.43 -15.66 13.07
C SER D 77 -14.41 -16.53 13.84
N GLN D 78 -13.96 -17.73 14.20
CA GLN D 78 -14.74 -18.66 15.01
C GLN D 78 -14.20 -18.57 16.43
N SER D 79 -15.01 -18.04 17.33
CA SER D 79 -14.59 -17.84 18.71
C SER D 79 -15.81 -17.99 19.60
N ASP D 80 -15.55 -18.23 20.89
CA ASP D 80 -16.62 -18.36 21.87
C ASP D 80 -16.72 -17.17 22.82
N ASP D 81 -15.65 -16.44 23.06
CA ASP D 81 -15.82 -15.12 23.67
C ASP D 81 -16.49 -14.24 22.62
N PRO D 82 -17.78 -13.95 22.72
CA PRO D 82 -18.52 -13.39 21.57
C PRO D 82 -18.04 -12.00 21.17
N HIS D 83 -17.13 -11.40 21.94
CA HIS D 83 -16.44 -10.20 21.48
C HIS D 83 -15.64 -10.45 20.21
N PHE D 84 -15.24 -11.71 19.95
CA PHE D 84 -14.49 -12.07 18.75
C PHE D 84 -15.24 -13.06 17.87
N HIS D 85 -16.57 -13.07 17.93
CA HIS D 85 -17.36 -13.98 17.11
C HIS D 85 -17.62 -13.35 15.74
N GLU D 86 -17.45 -14.15 14.68
CA GLU D 86 -17.81 -13.78 13.31
C GLU D 86 -17.17 -12.45 12.87
N LYS D 87 -15.89 -12.29 13.17
CA LYS D 87 -15.09 -11.14 12.79
C LYS D 87 -14.37 -11.39 11.45
N LYS D 88 -13.90 -10.29 10.84
CA LYS D 88 -13.50 -10.29 9.44
C LYS D 88 -12.10 -9.68 9.27
N GLN D 89 -11.50 -9.90 8.10
CA GLN D 89 -10.15 -9.44 7.81
C GLN D 89 -9.99 -9.06 6.33
N ILE D 90 -9.23 -7.98 6.07
CA ILE D 90 -8.85 -7.58 4.72
C ILE D 90 -7.35 -7.31 4.69
N PRO D 91 -6.56 -7.99 3.82
CA PRO D 91 -5.10 -7.69 3.75
C PRO D 91 -4.82 -6.34 3.12
N CYS D 92 -3.55 -6.02 2.95
CA CYS D 92 -3.14 -4.65 2.63
C CYS D 92 -1.84 -4.70 1.84
N VAL D 93 -1.90 -4.33 0.56
CA VAL D 93 -0.73 -4.36 -0.33
C VAL D 93 -0.21 -2.93 -0.50
N VAL D 94 1.06 -2.71 -0.17
CA VAL D 94 1.74 -1.44 -0.35
C VAL D 94 2.78 -1.65 -1.44
N SER D 95 2.61 -1.00 -2.59
CA SER D 95 3.51 -1.22 -3.72
C SER D 95 4.27 0.05 -4.05
N MET D 96 5.61 -0.07 -4.07
CA MET D 96 6.52 0.90 -4.64
C MET D 96 7.17 0.35 -5.91
N LEU D 97 6.58 -0.69 -6.50
CA LEU D 97 7.15 -1.30 -7.68
C LEU D 97 7.05 -0.32 -8.84
N THR D 98 7.95 -0.47 -9.81
CA THR D 98 8.00 0.41 -10.97
C THR D 98 7.76 -0.35 -12.26
N LYS D 99 7.57 -1.67 -12.19
CA LYS D 99 7.28 -2.52 -13.33
C LYS D 99 6.32 -3.60 -12.87
N GLU D 100 5.71 -4.27 -13.84
CA GLU D 100 4.96 -5.49 -13.55
C GLU D 100 5.91 -6.63 -13.18
N LEU D 101 5.49 -7.45 -12.23
CA LEU D 101 6.31 -8.57 -11.75
C LEU D 101 5.63 -9.88 -12.11
N TYR D 102 6.33 -10.69 -12.91
CA TYR D 102 5.94 -12.05 -13.24
C TYR D 102 7.05 -12.98 -12.75
N PHE D 103 6.68 -14.09 -12.11
CA PHE D 103 7.71 -15.02 -11.67
C PHE D 103 8.16 -15.95 -12.81
N SER D 104 8.42 -15.40 -13.99
CA SER D 104 8.76 -16.21 -15.18
C SER D 104 9.72 -15.55 -16.17
C ACE E 1 11.04 26.19 -10.88
O ACE E 1 10.75 25.00 -10.91
CH3 ACE E 1 10.54 27.16 -11.91
N 1MH E 2 11.80 26.17 -9.76
CA 1MH E 2 12.34 26.07 -8.40
C 1MH E 2 11.38 25.26 -7.54
O 1MH E 2 10.34 25.81 -7.06
CB 1MH E 2 12.56 27.46 -7.81
C6 1MH E 2 14.07 27.72 -7.78
C7 1MH E 2 14.55 29.00 -7.54
N8 1MH E 2 15.89 29.22 -7.51
C9 1MH E 2 16.75 28.19 -7.71
C10 1MH E 2 16.27 26.91 -7.95
C11 1MH E 2 14.93 26.70 -7.98
N ASP E 3 11.69 23.98 -7.31
CA ASP E 3 10.78 23.05 -6.65
C ASP E 3 10.66 23.30 -5.15
N PF5 E 4 9.55 23.03 -4.46
CA PF5 E 4 8.82 23.11 -3.20
CB PF5 E 4 7.71 24.17 -3.29
CG PF5 E 4 8.37 25.52 -3.60
CD1 PF5 E 4 9.17 26.12 -2.63
FD1 PF5 E 4 9.32 25.51 -1.42
CD2 PF5 E 4 8.21 26.12 -4.84
FD2 PF5 E 4 7.43 25.52 -5.80
CE1 PF5 E 4 9.79 27.32 -2.91
FE1 PF5 E 4 10.57 27.94 -1.96
CE2 PF5 E 4 8.84 27.33 -5.11
FE2 PF5 E 4 8.70 27.94 -6.33
CZ PF5 E 4 9.62 27.93 -4.14
FZ PF5 E 4 10.25 29.11 -4.41
C PF5 E 4 8.26 21.75 -2.81
O PF5 E 4 8.02 20.94 -3.66
N PHE E 5 8.18 21.77 -1.48
CA PHE E 5 7.47 20.53 -1.16
C PHE E 5 6.15 20.83 -0.42
N 1U8 E 6 5.30 19.81 -0.27
CA 1U8 E 6 3.99 19.96 0.38
C 1U8 E 6 3.99 19.35 1.78
O 1U8 E 6 2.95 19.11 2.30
CB 1U8 E 6 2.88 19.30 -0.44
CG 1U8 E 6 2.60 20.10 -1.71
OD1 1U8 E 6 2.53 21.36 -1.63
OD2 1U8 E 6 2.43 19.51 -2.82
C9 1U8 E 6 5.29 19.04 2.50
C ACE F 1 -10.63 -23.38 16.38
O ACE F 1 -10.26 -23.14 15.23
CH3 ACE F 1 -10.96 -24.78 16.85
N 1MH F 2 -10.86 -22.74 17.54
CA 1MH F 2 -11.01 -21.33 17.91
C 1MH F 2 -9.82 -20.51 17.39
O 1MH F 2 -8.66 -20.72 17.84
CB 1MH F 2 -11.15 -21.18 19.42
C6 1MH F 2 -12.52 -21.71 19.83
C7 1MH F 2 -12.68 -22.41 21.02
N8 1MH F 2 -13.90 -22.88 21.37
C9 1MH F 2 -14.96 -22.69 20.56
C10 1MH F 2 -14.81 -21.99 19.36
C11 1MH F 2 -13.59 -21.51 19.01
N ASP F 3 -10.10 -19.58 16.48
CA ASP F 3 -9.08 -18.76 15.84
C ASP F 3 -8.35 -17.85 16.83
N PF5 F 4 -7.15 -17.29 16.68
CA PF5 F 4 -6.39 -16.30 17.45
CB PF5 F 4 -5.23 -16.96 18.20
CG PF5 F 4 -5.85 -17.94 19.19
CD1 PF5 F 4 -6.50 -17.44 20.31
FD1 PF5 F 4 -6.56 -16.08 20.52
CD2 PF5 F 4 -5.78 -19.30 18.95
FD2 PF5 F 4 -5.15 -19.80 17.85
CE1 PF5 F 4 -7.09 -18.33 21.20
FE1 PF5 F 4 -7.74 -17.85 22.31
CE2 PF5 F 4 -6.37 -20.17 19.85
FE2 PF5 F 4 -6.29 -21.52 19.61
CZ PF5 F 4 -7.03 -19.69 20.97
FZ PF5 F 4 -7.60 -20.55 21.86
C PF5 F 4 -5.87 -15.20 16.54
O PF5 F 4 -5.76 -15.42 15.38
N PHE F 5 -5.44 -14.28 17.40
CA PHE F 5 -4.81 -13.27 16.57
C PHE F 5 -3.32 -13.04 16.92
N 1U8 F 6 -2.60 -12.38 16.00
CA 1U8 F 6 -1.17 -12.11 16.14
C 1U8 F 6 -0.85 -10.67 16.51
O 1U8 F 6 0.25 -10.21 16.30
CB 1U8 F 6 -0.44 -12.44 14.83
CG 1U8 F 6 -0.34 -13.94 14.66
OD1 1U8 F 6 -0.22 -14.68 15.68
OD2 1U8 F 6 -0.35 -14.41 13.48
C9 1U8 F 6 -1.93 -9.78 17.10
#